data_1XCR
#
_entry.id   1XCR
#
_cell.length_a   44.572
_cell.length_b   52.888
_cell.length_c   124.485
_cell.angle_alpha   90.00
_cell.angle_beta   88.89
_cell.angle_gamma   90.00
#
_symmetry.space_group_name_H-M   'P 1 21 1'
#
loop_
_entity.id
_entity.type
_entity.pdbx_description
1 polymer 'hypothetical protein PTD012'
2 non-polymer 'ZINC ION'
3 non-polymer 'ACETIC ACID'
4 water water
#
_entity_poly.entity_id   1
_entity_poly.type   'polypeptide(L)'
_entity_poly.pdbx_seq_one_letter_code
;GSACAEFSFHVPSLEELAGVMQKGLKDNFADVQVSVVDCPDLTKEPFTFPVKGICGKTRIAEVGGVPYLLPLVNQKKVYD
LNKIAKEIKLPGAFILGAGAGPFQTLGFNSEFMPVIQTESEHKPPVNGSYFAHVNPADGGCLLEKYSEKCHDFQCALLAN
LFASEGQPGKVIEVKAKRRTGPLNFVTCMRETLEKHYGNKPIGMGGTFIIQKGKVKSHIMPAEFSSCPLNSDEEVNKWLH
FYEMKAPLVCLPVFVSRDPGFDLRLEHTHFFSRHGEGGHYHYDTTPDIVEYLGYFLPAEFLYRIDQPKETHSIGRD
;
_entity_poly.pdbx_strand_id   A,B
#
loop_
_chem_comp.id
_chem_comp.type
_chem_comp.name
_chem_comp.formula
ACY non-polymer 'ACETIC ACID' 'C2 H4 O2'
ZN non-polymer 'ZINC ION' 'Zn 2'
#
# COMPACT_ATOMS: atom_id res chain seq x y z
N CYS A 4 5.28 20.37 -4.27
CA CYS A 4 4.27 21.28 -3.65
C CYS A 4 3.93 22.45 -4.57
N ALA A 5 2.64 22.59 -4.91
CA ALA A 5 2.18 23.69 -5.76
C ALA A 5 1.44 24.71 -4.93
N GLU A 6 1.71 25.99 -5.22
CA GLU A 6 1.04 27.12 -4.58
C GLU A 6 0.06 27.77 -5.55
N PHE A 7 -1.11 28.13 -5.04
CA PHE A 7 -2.12 28.78 -5.85
C PHE A 7 -2.79 29.90 -5.03
N SER A 8 -2.98 31.06 -5.65
CA SER A 8 -3.59 32.19 -4.94
C SER A 8 -5.08 32.22 -5.13
N PHE A 9 -5.80 32.10 -4.03
CA PHE A 9 -7.25 32.26 -4.03
C PHE A 9 -7.64 33.71 -4.20
N HIS A 10 -8.86 33.90 -4.71
CA HIS A 10 -9.55 35.18 -4.62
C HIS A 10 -9.96 35.36 -3.17
N VAL A 11 -9.81 36.57 -2.65
CA VAL A 11 -10.12 36.86 -1.23
C VAL A 11 -10.91 38.19 -1.13
N PRO A 12 -12.25 38.08 -1.14
CA PRO A 12 -13.09 39.23 -0.78
C PRO A 12 -13.02 39.62 0.70
N SER A 13 -13.55 40.81 1.03
CA SER A 13 -13.91 41.19 2.43
C SER A 13 -14.68 39.96 2.89
N LEU A 14 -14.43 39.45 4.08
CA LEU A 14 -15.36 39.43 5.24
C LEU A 14 -16.80 39.90 5.09
N GLU A 15 -17.04 41.22 5.03
CA GLU A 15 -18.39 41.74 4.85
C GLU A 15 -19.05 41.22 3.58
N GLU A 16 -18.29 41.17 2.49
CA GLU A 16 -18.81 40.68 1.22
C GLU A 16 -19.23 39.21 1.27
N LEU A 17 -18.34 38.37 1.80
CA LEU A 17 -18.60 36.94 1.89
C LEU A 17 -19.84 36.65 2.75
N ALA A 18 -19.87 37.32 3.92
CA ALA A 18 -21.01 37.18 4.84
C ALA A 18 -22.32 37.33 4.10
N GLY A 19 -22.44 38.39 3.31
CA GLY A 19 -23.66 38.70 2.57
C GLY A 19 -24.01 37.71 1.45
N VAL A 20 -22.89 37.12 0.87
CA VAL A 20 -23.09 36.16 -0.21
C VAL A 20 -23.57 34.83 0.39
N MET A 21 -22.94 34.44 1.50
CA MET A 21 -23.28 33.19 2.19
C MET A 21 -24.67 33.19 2.85
N GLN A 22 -25.07 34.36 3.39
CA GLN A 22 -26.38 34.47 4.02
C GLN A 22 -27.53 34.27 3.03
N LYS A 23 -27.40 34.87 1.85
CA LYS A 23 -28.45 34.81 0.84
C LYS A 23 -28.61 33.36 0.37
N GLY A 24 -27.50 32.70 0.12
CA GLY A 24 -27.51 31.27 -0.20
C GLY A 24 -28.17 30.43 0.89
N LEU A 25 -27.60 30.53 2.12
CA LEU A 25 -28.07 29.70 3.24
C LEU A 25 -29.56 29.88 3.52
N LYS A 26 -30.04 31.12 3.34
CA LYS A 26 -31.46 31.44 3.51
C LYS A 26 -32.37 30.65 2.57
N ASP A 27 -31.84 30.21 1.44
CA ASP A 27 -32.58 29.35 0.52
C ASP A 27 -32.67 27.90 1.02
N ASN A 28 -31.73 27.51 1.88
CA ASN A 28 -31.61 26.14 2.36
C ASN A 28 -32.17 25.88 3.80
N PHE A 29 -32.07 26.98 4.64
CA PHE A 29 -32.44 26.88 6.06
C PHE A 29 -33.46 27.97 6.45
N ALA A 30 -34.32 27.66 7.43
CA ALA A 30 -35.40 28.57 7.80
C ALA A 30 -34.89 29.79 8.57
N ASP A 31 -34.00 29.58 9.52
CA ASP A 31 -33.51 30.67 10.36
C ASP A 31 -32.02 30.82 10.19
N VAL A 32 -31.61 31.87 9.47
CA VAL A 32 -30.19 32.07 9.13
C VAL A 32 -29.72 33.46 9.58
N GLN A 33 -28.48 33.52 10.05
CA GLN A 33 -27.81 34.78 10.31
C GLN A 33 -26.34 34.53 10.00
N VAL A 34 -25.78 35.34 9.11
CA VAL A 34 -24.34 35.34 8.86
C VAL A 34 -23.87 36.77 9.06
N SER A 35 -22.77 36.93 9.79
CA SER A 35 -22.23 38.22 10.17
C SER A 35 -20.73 38.12 10.45
N VAL A 36 -20.04 39.25 10.36
CA VAL A 36 -18.63 39.36 10.70
C VAL A 36 -18.54 39.74 12.17
N VAL A 37 -17.88 38.89 12.95
CA VAL A 37 -17.79 39.07 14.39
C VAL A 37 -16.36 38.81 14.87
N ASP A 38 -16.06 39.26 16.09
CA ASP A 38 -14.82 38.84 16.76
C ASP A 38 -14.85 37.34 17.00
N CYS A 39 -13.77 36.66 16.63
CA CYS A 39 -13.69 35.22 16.88
C CYS A 39 -13.78 34.97 18.39
N PRO A 40 -14.69 34.06 18.81
CA PRO A 40 -14.67 33.68 20.23
C PRO A 40 -13.40 32.99 20.63
N ASP A 41 -13.15 32.94 21.94
CA ASP A 41 -11.96 32.28 22.46
C ASP A 41 -12.12 30.77 22.28
N LEU A 42 -11.42 30.24 21.28
CA LEU A 42 -11.52 28.83 20.91
C LEU A 42 -10.79 27.89 21.87
N THR A 43 -10.10 28.44 22.86
CA THR A 43 -9.55 27.60 23.94
C THR A 43 -10.64 27.14 24.92
N LYS A 44 -11.81 27.78 24.88
CA LYS A 44 -12.92 27.41 25.76
C LYS A 44 -13.85 26.39 25.11
N GLU A 45 -14.73 25.83 25.92
CA GLU A 45 -15.73 24.87 25.44
C GLU A 45 -16.65 25.55 24.45
N PRO A 46 -17.14 24.82 23.43
CA PRO A 46 -16.96 23.39 23.17
C PRO A 46 -15.75 23.03 22.33
N PHE A 47 -14.98 24.02 21.90
CA PHE A 47 -13.85 23.79 21.00
C PHE A 47 -12.63 23.24 21.71
N THR A 48 -12.20 23.94 22.76
CA THR A 48 -11.02 23.58 23.55
C THR A 48 -9.78 23.32 22.68
N PHE A 49 -9.57 24.19 21.70
CA PHE A 49 -8.38 24.16 20.86
C PHE A 49 -7.16 24.67 21.64
N PRO A 50 -5.94 24.35 21.18
CA PRO A 50 -4.73 24.90 21.82
C PRO A 50 -4.46 26.37 21.53
N VAL A 51 -5.31 27.02 20.73
CA VAL A 51 -5.17 28.42 20.38
C VAL A 51 -6.52 29.13 20.46
N LYS A 52 -6.47 30.45 20.55
CA LYS A 52 -7.65 31.27 20.79
C LYS A 52 -8.45 31.57 19.54
N GLY A 53 -7.84 31.51 18.36
CA GLY A 53 -8.56 31.86 17.13
C GLY A 53 -8.09 31.13 15.87
N ILE A 54 -8.65 31.53 14.74
CA ILE A 54 -8.31 30.96 13.43
C ILE A 54 -7.81 31.99 12.41
N CYS A 55 -7.39 33.18 12.87
CA CYS A 55 -7.02 34.29 12.01
C CYS A 55 -5.52 34.34 11.78
N GLY A 56 -5.13 34.98 10.67
CA GLY A 56 -3.71 35.21 10.39
C GLY A 56 -3.13 34.21 9.41
N LYS A 57 -2.69 34.73 8.26
CA LYS A 57 -2.03 33.97 7.20
C LYS A 57 -2.78 32.69 6.83
N THR A 58 -4.07 32.83 6.55
CA THR A 58 -4.92 31.66 6.27
C THR A 58 -4.57 31.00 4.95
N ARG A 59 -4.59 29.67 4.97
CA ARG A 59 -4.24 28.87 3.82
C ARG A 59 -4.81 27.46 3.97
N ILE A 60 -5.07 26.83 2.84
CA ILE A 60 -5.53 25.44 2.78
C ILE A 60 -4.39 24.59 2.21
N ALA A 61 -4.24 23.39 2.74
CA ALA A 61 -3.34 22.37 2.20
C ALA A 61 -4.18 21.17 1.82
N GLU A 62 -4.00 20.67 0.60
CA GLU A 62 -4.58 19.41 0.18
C GLU A 62 -3.39 18.48 -0.07
N VAL A 63 -3.31 17.44 0.77
CA VAL A 63 -2.19 16.51 0.81
C VAL A 63 -2.71 15.15 0.34
N GLY A 64 -1.96 14.51 -0.56
CA GLY A 64 -2.31 13.19 -1.05
C GLY A 64 -3.70 13.15 -1.68
N GLY A 65 -4.46 12.10 -1.37
CA GLY A 65 -5.82 12.04 -1.85
C GLY A 65 -6.45 10.67 -1.70
N VAL A 66 -7.74 10.61 -1.96
CA VAL A 66 -8.45 9.34 -1.92
C VAL A 66 -7.81 8.30 -2.86
N PRO A 67 -7.26 8.71 -4.03
CA PRO A 67 -6.54 7.72 -4.85
C PRO A 67 -5.33 7.03 -4.23
N TYR A 68 -4.86 7.49 -3.07
CA TYR A 68 -3.86 6.74 -2.30
C TYR A 68 -4.49 5.69 -1.38
N LEU A 69 -5.80 5.77 -1.17
CA LEU A 69 -6.54 4.79 -0.38
C LEU A 69 -7.17 3.72 -1.29
N LEU A 70 -7.65 4.13 -2.46
CA LEU A 70 -8.53 3.33 -3.33
C LEU A 70 -8.07 3.37 -4.78
N PRO A 71 -8.35 2.32 -5.58
CA PRO A 71 -9.01 1.07 -5.18
C PRO A 71 -8.25 0.19 -4.18
N LEU A 72 -6.91 0.18 -4.26
CA LEU A 72 -6.05 -0.48 -3.28
C LEU A 72 -5.19 0.56 -2.56
N VAL A 73 -4.85 0.29 -1.31
CA VAL A 73 -4.14 1.25 -0.46
C VAL A 73 -2.62 1.26 -0.74
N ASN A 74 -2.03 2.44 -0.73
CA ASN A 74 -0.58 2.53 -0.65
C ASN A 74 -0.23 2.97 0.78
N GLN A 75 0.11 2.00 1.62
CA GLN A 75 0.40 2.30 3.04
C GLN A 75 1.71 3.07 3.27
N LYS A 76 2.52 3.23 2.21
CA LYS A 76 3.74 4.05 2.29
C LYS A 76 3.49 5.55 2.33
N LYS A 77 2.25 5.95 2.03
CA LYS A 77 1.88 7.36 1.97
C LYS A 77 1.57 7.90 3.36
N VAL A 78 2.65 8.27 4.05
CA VAL A 78 2.60 8.77 5.42
C VAL A 78 3.11 10.20 5.44
N TYR A 79 2.52 11.02 6.31
CA TYR A 79 2.78 12.48 6.35
C TYR A 79 3.00 12.95 7.77
N ASP A 80 3.71 14.07 7.90
CA ASP A 80 4.00 14.69 9.18
C ASP A 80 3.44 16.11 9.10
N LEU A 81 2.43 16.40 9.91
CA LEU A 81 1.74 17.68 9.87
C LEU A 81 2.61 18.86 10.33
N ASN A 82 3.57 18.60 11.21
CA ASN A 82 4.53 19.62 11.57
C ASN A 82 5.40 19.98 10.37
N LYS A 83 5.77 18.98 9.57
CA LYS A 83 6.58 19.22 8.37
C LYS A 83 5.76 19.90 7.26
N ILE A 84 4.50 19.51 7.14
CA ILE A 84 3.56 20.11 6.18
C ILE A 84 3.43 21.62 6.44
N ALA A 85 3.38 22.01 7.72
CA ALA A 85 3.31 23.43 8.08
C ALA A 85 4.46 24.22 7.50
N LYS A 86 5.65 23.65 7.52
CA LYS A 86 6.82 24.32 6.96
C LYS A 86 6.74 24.33 5.41
N GLU A 87 6.22 23.27 4.84
CA GLU A 87 6.07 23.15 3.39
C GLU A 87 5.10 24.19 2.83
N ILE A 88 4.06 24.51 3.59
CA ILE A 88 3.09 25.52 3.16
C ILE A 88 3.47 26.93 3.63
N LYS A 89 4.73 27.14 4.01
CA LYS A 89 5.33 28.45 4.29
C LYS A 89 4.73 29.12 5.54
N LEU A 90 4.30 28.31 6.50
CA LEU A 90 3.78 28.83 7.76
C LEU A 90 4.25 27.94 8.93
N PRO A 91 5.56 28.03 9.28
CA PRO A 91 5.99 27.31 10.48
C PRO A 91 5.21 27.86 11.68
N GLY A 92 4.82 26.98 12.59
CA GLY A 92 3.99 27.35 13.73
C GLY A 92 2.52 27.54 13.39
N ALA A 93 2.11 27.10 12.21
CA ALA A 93 0.71 27.13 11.82
C ALA A 93 -0.12 26.33 12.82
N PHE A 94 -1.33 26.83 13.06
CA PHE A 94 -2.37 26.06 13.71
C PHE A 94 -3.20 25.40 12.61
N ILE A 95 -3.36 24.08 12.72
CA ILE A 95 -3.98 23.28 11.67
C ILE A 95 -5.25 22.58 12.12
N LEU A 96 -6.32 22.73 11.35
CA LEU A 96 -7.58 22.00 11.55
C LEU A 96 -7.91 21.25 10.25
N GLY A 97 -8.75 20.24 10.35
CA GLY A 97 -9.33 19.61 9.17
C GLY A 97 -9.66 18.13 9.28
N ALA A 98 -9.36 17.39 8.22
CA ALA A 98 -9.91 16.04 8.04
C ALA A 98 -8.95 15.18 7.26
N GLY A 99 -8.72 13.96 7.74
CA GLY A 99 -7.84 13.04 7.02
C GLY A 99 -7.91 11.64 7.56
N ALA A 100 -7.13 10.74 6.95
CA ALA A 100 -6.96 9.39 7.47
C ALA A 100 -5.94 9.43 8.62
N GLY A 101 -6.18 8.64 9.65
CA GLY A 101 -5.30 8.62 10.80
C GLY A 101 -4.01 7.88 10.49
N PRO A 102 -3.00 8.09 11.34
CA PRO A 102 -1.75 7.37 11.15
C PRO A 102 -1.79 5.92 11.62
N PHE A 103 -2.15 5.02 10.71
CA PHE A 103 -2.13 3.60 11.00
C PHE A 103 -0.72 3.13 11.37
N GLN A 104 0.30 3.85 10.87
CA GLN A 104 1.71 3.50 11.12
C GLN A 104 2.16 3.75 12.56
N THR A 105 1.38 4.51 13.32
CA THR A 105 1.60 4.63 14.77
C THR A 105 0.50 3.98 15.61
N LEU A 106 -0.74 4.03 15.12
CA LEU A 106 -1.89 3.52 15.87
C LEU A 106 -2.05 2.01 15.78
N GLY A 107 -1.69 1.42 14.64
CA GLY A 107 -1.81 -0.01 14.43
C GLY A 107 -3.19 -0.45 13.95
N PHE A 108 -3.99 0.54 13.57
CA PHE A 108 -5.28 0.33 12.93
C PHE A 108 -5.66 1.59 12.14
N ASN A 109 -6.56 1.43 11.19
CA ASN A 109 -7.12 2.54 10.43
C ASN A 109 -8.05 3.37 11.29
N SER A 110 -8.21 4.63 10.92
CA SER A 110 -9.06 5.53 11.67
C SER A 110 -9.34 6.82 10.87
N GLU A 111 -10.40 7.50 11.25
CA GLU A 111 -10.70 8.86 10.80
C GLU A 111 -9.97 9.84 11.70
N PHE A 112 -9.23 10.78 11.11
CA PHE A 112 -8.41 11.72 11.85
C PHE A 112 -9.01 13.11 11.88
N MET A 113 -8.98 13.74 13.05
CA MET A 113 -9.48 15.09 13.26
C MET A 113 -8.30 15.94 13.74
N PRO A 114 -7.45 16.41 12.79
CA PRO A 114 -6.28 17.19 13.21
C PRO A 114 -6.64 18.55 13.85
N VAL A 115 -6.09 18.76 15.04
CA VAL A 115 -6.19 20.00 15.77
C VAL A 115 -4.81 20.27 16.38
N ILE A 116 -3.97 20.98 15.65
CA ILE A 116 -2.54 20.96 15.95
C ILE A 116 -1.91 22.34 15.90
N GLN A 117 -1.32 22.71 17.03
CA GLN A 117 -0.38 23.82 17.08
C GLN A 117 0.98 23.20 16.75
N THR A 118 1.46 23.45 15.54
CA THR A 118 2.73 22.90 15.10
C THR A 118 3.88 23.71 15.74
N GLU A 119 5.08 23.16 15.65
CA GLU A 119 6.23 23.76 16.29
C GLU A 119 6.83 24.90 15.46
N SER A 120 7.21 25.97 16.16
CA SER A 120 8.02 27.03 15.56
C SER A 120 8.95 27.56 16.65
N GLU A 121 9.81 28.51 16.28
CA GLU A 121 10.78 29.05 17.23
C GLU A 121 10.11 29.78 18.39
N HIS A 122 8.92 30.34 18.17
CA HIS A 122 8.19 31.05 19.20
C HIS A 122 6.92 30.30 19.70
N LYS A 123 6.72 29.06 19.24
CA LYS A 123 5.49 28.30 19.56
C LYS A 123 5.73 26.84 19.93
N PRO A 124 5.60 26.50 21.23
CA PRO A 124 5.64 25.09 21.62
C PRO A 124 4.50 24.28 20.98
N PRO A 125 4.81 23.08 20.45
CA PRO A 125 3.76 22.33 19.78
C PRO A 125 2.75 21.71 20.73
N VAL A 126 1.52 21.56 20.25
CA VAL A 126 0.47 20.86 20.98
C VAL A 126 -0.34 20.09 19.96
N ASN A 127 -0.40 18.77 20.13
CA ASN A 127 -1.23 17.95 19.25
C ASN A 127 -2.53 17.60 19.98
N GLY A 128 -3.57 18.38 19.66
CA GLY A 128 -4.89 18.21 20.26
C GLY A 128 -5.82 17.40 19.39
N SER A 129 -5.26 16.68 18.42
CA SER A 129 -6.07 15.95 17.45
C SER A 129 -6.85 14.81 18.11
N TYR A 130 -7.99 14.46 17.51
CA TYR A 130 -8.74 13.26 17.87
C TYR A 130 -8.72 12.24 16.73
N PHE A 131 -9.00 10.99 17.05
CA PHE A 131 -9.17 9.95 16.04
C PHE A 131 -10.36 9.05 16.37
N ALA A 132 -11.08 8.61 15.34
CA ALA A 132 -12.23 7.73 15.47
C ALA A 132 -11.99 6.42 14.72
N HIS A 133 -12.32 5.30 15.35
CA HIS A 133 -12.15 4.04 14.69
C HIS A 133 -13.23 3.06 15.12
N VAL A 134 -13.41 2.02 14.32
CA VAL A 134 -14.50 1.09 14.51
C VAL A 134 -14.19 0.17 15.70
N ASN A 135 -15.06 0.23 16.71
CA ASN A 135 -14.92 -0.61 17.89
C ASN A 135 -15.01 -2.09 17.53
N PRO A 136 -13.93 -2.86 17.77
CA PRO A 136 -13.98 -4.28 17.42
C PRO A 136 -14.87 -5.11 18.36
N ALA A 137 -15.44 -4.46 19.37
CA ALA A 137 -16.38 -5.08 20.29
C ALA A 137 -17.78 -5.12 19.70
N ASP A 138 -18.32 -3.95 19.37
CA ASP A 138 -19.73 -3.81 18.96
C ASP A 138 -19.93 -3.05 17.65
N GLY A 139 -18.86 -2.87 16.89
CA GLY A 139 -18.95 -2.21 15.58
C GLY A 139 -19.18 -0.72 15.65
N GLY A 140 -19.21 -0.17 16.87
CA GLY A 140 -19.52 1.23 17.10
C GLY A 140 -18.30 2.12 16.98
N CYS A 141 -18.47 3.38 17.36
CA CYS A 141 -17.40 4.37 17.31
C CYS A 141 -16.61 4.45 18.62
N LEU A 142 -15.30 4.36 18.50
CA LEU A 142 -14.36 4.71 19.57
C LEU A 142 -13.58 5.97 19.19
N LEU A 143 -13.80 7.03 19.98
CA LEU A 143 -13.10 8.31 19.79
C LEU A 143 -12.04 8.46 20.88
N GLU A 144 -10.81 8.76 20.46
CA GLU A 144 -9.70 8.93 21.37
C GLU A 144 -8.91 10.19 21.03
N LYS A 145 -8.22 10.72 22.04
CA LYS A 145 -7.35 11.86 21.87
C LYS A 145 -6.00 11.29 21.44
N TYR A 146 -5.50 11.75 20.30
CA TYR A 146 -4.26 11.20 19.74
C TYR A 146 -3.07 11.26 20.71
N SER A 147 -2.95 12.35 21.46
CA SER A 147 -1.80 12.56 22.35
C SER A 147 -1.68 11.55 23.49
N GLU A 148 -2.80 10.93 23.88
CA GLU A 148 -2.77 9.88 24.90
C GLU A 148 -2.03 8.66 24.37
N LYS A 149 -2.33 8.31 23.12
CA LYS A 149 -1.82 7.07 22.54
C LYS A 149 -0.46 7.22 21.86
N CYS A 150 -0.18 8.41 21.34
CA CYS A 150 1.03 8.66 20.54
C CYS A 150 1.45 10.11 20.68
N HIS A 151 2.77 10.36 20.60
CA HIS A 151 3.28 11.71 20.83
C HIS A 151 3.89 12.47 19.61
N ASP A 152 3.45 12.13 18.41
CA ASP A 152 4.08 12.61 17.17
C ASP A 152 3.09 13.53 16.40
N PHE A 153 3.37 13.86 15.14
CA PHE A 153 2.47 14.66 14.27
C PHE A 153 2.03 13.91 13.01
N GLN A 154 1.97 12.59 13.11
CA GLN A 154 1.72 11.76 11.94
C GLN A 154 0.25 11.75 11.50
N CYS A 155 0.07 11.61 10.18
CA CYS A 155 -1.18 11.17 9.58
C CYS A 155 -0.83 10.37 8.31
N ALA A 156 -1.81 10.06 7.48
CA ALA A 156 -1.56 9.17 6.34
C ALA A 156 -2.57 9.36 5.23
N LEU A 157 -2.12 9.05 4.01
CA LEU A 157 -2.91 8.86 2.81
C LEU A 157 -3.48 10.13 2.20
N LEU A 158 -4.14 10.93 3.01
CA LEU A 158 -4.85 12.10 2.54
C LEU A 158 -5.18 13.02 3.69
N ALA A 159 -5.11 14.32 3.44
CA ALA A 159 -5.50 15.30 4.44
C ALA A 159 -6.01 16.53 3.74
N ASN A 160 -7.11 17.07 4.26
CA ASN A 160 -7.65 18.37 3.83
C ASN A 160 -7.62 19.27 5.03
N LEU A 161 -6.80 20.33 4.94
CA LEU A 161 -6.38 21.12 6.10
C LEU A 161 -6.62 22.61 5.91
N PHE A 162 -7.00 23.27 6.99
CA PHE A 162 -7.10 24.72 7.05
C PHE A 162 -6.09 25.19 8.11
N ALA A 163 -5.16 26.03 7.66
CA ALA A 163 -4.05 26.49 8.47
C ALA A 163 -4.12 28.00 8.63
N SER A 164 -3.73 28.47 9.82
CA SER A 164 -3.71 29.89 10.14
C SER A 164 -2.66 30.13 11.23
N GLU A 165 -2.49 31.38 11.65
CA GLU A 165 -1.61 31.71 12.77
C GLU A 165 -2.31 31.51 14.11
N GLY A 166 -3.57 31.10 14.10
CA GLY A 166 -4.30 30.82 15.32
C GLY A 166 -4.65 32.04 16.17
N GLN A 167 -4.72 33.21 15.56
CA GLN A 167 -4.85 34.47 16.29
C GLN A 167 -6.32 34.90 16.41
N PRO A 168 -6.64 35.67 17.46
CA PRO A 168 -7.94 36.33 17.52
C PRO A 168 -8.09 37.32 16.36
N GLY A 169 -9.33 37.76 16.12
CA GLY A 169 -9.62 38.68 15.03
C GLY A 169 -10.96 38.41 14.41
N LYS A 170 -11.25 39.09 13.30
CA LYS A 170 -12.57 39.00 12.69
C LYS A 170 -12.74 37.69 11.94
N VAL A 171 -13.90 37.06 12.12
CA VAL A 171 -14.28 35.85 11.41
C VAL A 171 -15.74 35.95 10.97
N ILE A 172 -16.15 35.06 10.08
CA ILE A 172 -17.52 35.01 9.62
C ILE A 172 -18.28 34.03 10.50
N GLU A 173 -19.27 34.54 11.24
CA GLU A 173 -20.13 33.68 12.07
C GLU A 173 -21.40 33.31 11.31
N VAL A 174 -21.66 32.01 11.16
CA VAL A 174 -22.85 31.48 10.51
C VAL A 174 -23.74 30.80 11.55
N LYS A 175 -24.98 31.28 11.65
CA LYS A 175 -26.03 30.58 12.38
C LYS A 175 -27.05 30.08 11.37
N ALA A 176 -27.26 28.77 11.33
CA ALA A 176 -28.27 28.17 10.45
C ALA A 176 -29.06 27.11 11.21
N LYS A 177 -30.36 27.34 11.34
CA LYS A 177 -31.26 26.43 12.07
C LYS A 177 -32.41 26.00 11.18
N ARG A 178 -32.81 24.73 11.31
CA ARG A 178 -33.96 24.17 10.59
C ARG A 178 -33.73 24.12 9.08
N ARG A 179 -33.22 22.98 8.59
CA ARG A 179 -32.96 22.80 7.16
C ARG A 179 -34.26 22.62 6.38
N THR A 180 -34.42 23.38 5.30
CA THR A 180 -35.62 23.38 4.47
C THR A 180 -35.33 23.00 3.01
N GLY A 181 -34.10 22.57 2.74
CA GLY A 181 -33.71 22.21 1.36
C GLY A 181 -32.70 21.08 1.42
N PRO A 182 -32.36 20.47 0.26
CA PRO A 182 -31.67 19.18 0.31
C PRO A 182 -30.17 19.20 0.64
N LEU A 183 -29.56 20.38 0.67
CA LEU A 183 -28.12 20.47 0.82
C LEU A 183 -27.70 20.36 2.29
N ASN A 184 -26.60 19.66 2.55
CA ASN A 184 -26.00 19.69 3.89
C ASN A 184 -25.43 21.10 4.12
N PHE A 185 -24.97 21.32 5.37
CA PHE A 185 -24.49 22.63 5.78
C PHE A 185 -23.29 23.10 4.95
N VAL A 186 -22.31 22.21 4.77
CA VAL A 186 -21.11 22.58 4.04
C VAL A 186 -21.33 22.72 2.52
N THR A 187 -22.03 21.78 1.91
CA THR A 187 -22.36 21.87 0.49
C THR A 187 -23.12 23.19 0.16
N CYS A 188 -24.03 23.59 1.04
CA CYS A 188 -24.84 24.80 0.83
C CYS A 188 -23.94 26.02 0.73
N MET A 189 -22.96 26.10 1.64
CA MET A 189 -22.04 27.22 1.64
C MET A 189 -21.16 27.21 0.38
N ARG A 190 -20.53 26.00 0.13
CA ARG A 190 -19.61 25.89 -1.01
C ARG A 190 -20.29 26.23 -2.33
N GLU A 191 -21.49 25.69 -2.53
CA GLU A 191 -22.24 25.90 -3.78
C GLU A 191 -22.73 27.35 -3.97
N THR A 192 -22.99 28.03 -2.85
CA THR A 192 -23.36 29.44 -2.87
C THR A 192 -22.16 30.28 -3.33
N LEU A 193 -20.98 29.99 -2.81
CA LEU A 193 -19.76 30.74 -3.18
C LEU A 193 -19.42 30.58 -4.66
N GLU A 194 -19.54 29.35 -5.17
CA GLU A 194 -19.25 29.02 -6.58
C GLU A 194 -20.23 29.70 -7.54
N LYS A 195 -21.50 29.62 -7.19
CA LYS A 195 -22.58 30.28 -7.93
C LYS A 195 -22.36 31.79 -8.03
N HIS A 196 -21.95 32.41 -6.93
CA HIS A 196 -21.67 33.83 -6.93
C HIS A 196 -20.36 34.22 -7.62
N TYR A 197 -19.26 33.51 -7.33
CA TYR A 197 -17.93 33.94 -7.77
C TYR A 197 -17.34 33.27 -9.02
N GLY A 198 -17.88 32.13 -9.45
CA GLY A 198 -17.47 31.50 -10.71
C GLY A 198 -15.96 31.24 -10.84
N ASN A 199 -15.34 31.88 -11.84
CA ASN A 199 -13.93 31.63 -12.19
C ASN A 199 -12.88 32.02 -11.13
N LYS A 200 -13.28 32.81 -10.13
CA LYS A 200 -12.40 33.26 -9.05
C LYS A 200 -12.54 32.37 -7.80
N PRO A 201 -11.67 31.35 -7.65
CA PRO A 201 -11.89 30.32 -6.64
C PRO A 201 -11.81 30.88 -5.23
N ILE A 202 -12.64 30.31 -4.34
CA ILE A 202 -12.64 30.67 -2.93
C ILE A 202 -12.45 29.41 -2.13
N GLY A 203 -11.58 29.48 -1.14
CA GLY A 203 -11.38 28.38 -0.22
C GLY A 203 -11.73 28.84 1.18
N MET A 204 -12.29 27.93 1.96
CA MET A 204 -12.80 28.25 3.27
C MET A 204 -12.58 27.11 4.25
N GLY A 205 -12.33 27.49 5.49
CA GLY A 205 -12.30 26.57 6.60
C GLY A 205 -12.63 27.23 7.92
N GLY A 206 -12.42 26.47 8.98
CA GLY A 206 -12.69 26.92 10.33
C GLY A 206 -13.30 25.80 11.12
N THR A 207 -14.36 26.11 11.86
CA THR A 207 -14.98 25.09 12.72
C THR A 207 -16.46 25.41 12.87
N PHE A 208 -17.29 24.38 13.05
CA PHE A 208 -18.68 24.58 13.44
C PHE A 208 -19.16 23.53 14.43
N ILE A 209 -20.14 23.93 15.23
CA ILE A 209 -20.82 23.05 16.16
C ILE A 209 -22.17 22.71 15.56
N ILE A 210 -22.48 21.42 15.55
CA ILE A 210 -23.85 20.97 15.39
C ILE A 210 -24.42 20.94 16.82
N GLN A 211 -25.27 21.90 17.13
CA GLN A 211 -25.73 22.12 18.49
C GLN A 211 -26.92 21.24 18.86
N LYS A 212 -27.74 20.95 17.87
CA LYS A 212 -28.90 20.09 18.02
C LYS A 212 -29.03 19.26 16.75
N GLY A 213 -29.64 18.08 16.88
CA GLY A 213 -29.95 17.21 15.75
C GLY A 213 -29.07 15.97 15.66
N LYS A 214 -29.27 15.19 14.59
CA LYS A 214 -28.48 14.00 14.34
C LYS A 214 -27.87 14.09 12.95
N VAL A 215 -26.82 13.31 12.70
CA VAL A 215 -26.14 13.29 11.41
C VAL A 215 -25.85 11.88 10.92
N LYS A 216 -25.72 11.73 9.60
CA LYS A 216 -25.16 10.52 9.01
C LYS A 216 -23.66 10.74 8.91
N SER A 217 -22.89 9.82 9.47
CA SER A 217 -21.43 9.85 9.37
C SER A 217 -20.90 8.50 8.89
N HIS A 218 -19.59 8.40 8.73
CA HIS A 218 -18.96 7.10 8.54
C HIS A 218 -17.59 7.05 9.23
N ILE A 219 -17.15 5.83 9.50
CA ILE A 219 -15.76 5.54 9.90
C ILE A 219 -15.22 4.39 9.04
N MET A 220 -13.98 4.49 8.56
CA MET A 220 -13.34 3.38 7.83
C MET A 220 -13.03 2.22 8.77
N PRO A 221 -13.13 0.98 8.26
CA PRO A 221 -12.73 -0.21 9.03
C PRO A 221 -11.28 -0.18 9.48
N ALA A 222 -10.97 -0.98 10.50
CA ALA A 222 -9.62 -1.03 11.08
C ALA A 222 -8.55 -1.55 10.13
N GLU A 223 -8.94 -2.35 9.14
CA GLU A 223 -7.98 -2.92 8.19
C GLU A 223 -8.42 -2.59 6.77
N PHE A 224 -7.43 -2.44 5.89
CA PHE A 224 -7.69 -2.10 4.50
C PHE A 224 -8.12 -3.31 3.70
N SER A 225 -8.91 -3.08 2.67
CA SER A 225 -9.41 -4.16 1.81
C SER A 225 -8.26 -4.87 1.07
N SER A 226 -8.39 -6.19 0.91
CA SER A 226 -7.45 -6.97 0.07
C SER A 226 -7.76 -6.80 -1.40
N CYS A 227 -9.06 -6.73 -1.71
CA CYS A 227 -9.52 -6.53 -3.08
C CYS A 227 -9.80 -5.08 -3.39
N PRO A 228 -9.61 -4.69 -4.66
CA PRO A 228 -9.81 -3.33 -5.03
C PRO A 228 -11.27 -2.89 -4.87
N LEU A 229 -11.44 -1.71 -4.29
CA LEU A 229 -12.74 -1.06 -4.19
C LEU A 229 -12.86 -0.12 -5.37
N ASN A 230 -13.60 -0.54 -6.40
CA ASN A 230 -13.60 0.12 -7.71
C ASN A 230 -14.76 1.07 -7.99
N SER A 231 -15.72 1.15 -7.08
CA SER A 231 -16.88 2.03 -7.24
C SER A 231 -17.36 2.56 -5.90
N ASP A 232 -18.14 3.63 -5.96
CA ASP A 232 -18.69 4.24 -4.77
C ASP A 232 -19.57 3.26 -4.02
N GLU A 233 -20.31 2.42 -4.75
CA GLU A 233 -21.13 1.38 -4.13
C GLU A 233 -20.27 0.37 -3.34
N GLU A 234 -19.13 -0.03 -3.91
CA GLU A 234 -18.18 -0.93 -3.25
C GLU A 234 -17.53 -0.23 -2.04
N VAL A 235 -17.18 1.03 -2.21
CA VAL A 235 -16.57 1.79 -1.12
C VAL A 235 -17.53 1.89 0.07
N ASN A 236 -18.78 2.26 -0.21
CA ASN A 236 -19.77 2.46 0.85
C ASN A 236 -20.12 1.16 1.58
N LYS A 237 -19.93 0.01 0.94
CA LYS A 237 -20.12 -1.27 1.59
C LYS A 237 -18.98 -1.59 2.56
N TRP A 238 -17.78 -1.10 2.25
CA TRP A 238 -16.60 -1.33 3.10
C TRP A 238 -16.60 -0.40 4.32
N LEU A 239 -16.96 0.86 4.10
CA LEU A 239 -17.12 1.84 5.18
C LEU A 239 -18.24 1.46 6.14
N HIS A 240 -18.08 1.87 7.41
CA HIS A 240 -19.10 1.73 8.43
C HIS A 240 -19.86 3.04 8.62
N PHE A 241 -21.19 2.98 8.49
CA PHE A 241 -22.05 4.16 8.63
C PHE A 241 -22.79 4.20 9.96
N TYR A 242 -22.99 5.42 10.46
CA TYR A 242 -23.62 5.67 11.76
C TYR A 242 -24.59 6.84 11.71
N GLU A 243 -25.50 6.87 12.69
CA GLU A 243 -26.21 8.08 13.04
C GLU A 243 -25.67 8.55 14.40
N MET A 244 -25.12 9.74 14.42
CA MET A 244 -24.52 10.31 15.64
C MET A 244 -25.27 11.57 16.04
N LYS A 245 -25.16 11.93 17.31
CA LYS A 245 -25.97 13.00 17.89
C LYS A 245 -25.17 14.23 18.38
N ALA A 246 -25.86 15.37 18.37
CA ALA A 246 -25.31 16.62 18.91
C ALA A 246 -25.02 16.50 20.41
N PRO A 247 -24.09 17.32 20.92
CA PRO A 247 -23.27 18.31 20.22
C PRO A 247 -22.00 17.70 19.60
N LEU A 248 -21.66 18.17 18.40
CA LEU A 248 -20.51 17.69 17.63
C LEU A 248 -19.67 18.88 17.17
N VAL A 249 -18.35 18.79 17.32
CA VAL A 249 -17.44 19.84 16.88
C VAL A 249 -16.81 19.42 15.56
N CYS A 250 -17.08 20.21 14.52
CA CYS A 250 -16.81 19.84 13.13
C CYS A 250 -15.74 20.73 12.52
N LEU A 251 -14.92 20.13 11.68
CA LEU A 251 -13.76 20.78 11.07
C LEU A 251 -13.87 20.61 9.55
N PRO A 252 -14.50 21.58 8.86
CA PRO A 252 -14.64 21.51 7.42
C PRO A 252 -13.57 22.25 6.62
N VAL A 253 -13.29 21.72 5.44
CA VAL A 253 -12.50 22.41 4.46
C VAL A 253 -13.24 22.30 3.13
N PHE A 254 -13.50 23.43 2.49
CA PHE A 254 -14.22 23.42 1.23
C PHE A 254 -13.75 24.50 0.26
N VAL A 255 -13.89 24.19 -1.03
CA VAL A 255 -13.38 25.02 -2.12
C VAL A 255 -14.48 25.12 -3.18
N SER A 256 -14.77 26.34 -3.60
CA SER A 256 -15.92 26.58 -4.49
C SER A 256 -15.74 26.01 -5.90
N ARG A 257 -14.52 26.10 -6.41
CA ARG A 257 -14.19 25.61 -7.75
C ARG A 257 -12.73 25.14 -7.77
N ASP A 258 -12.53 23.94 -8.31
CA ASP A 258 -11.19 23.36 -8.49
C ASP A 258 -10.52 24.02 -9.70
N PRO A 259 -9.47 24.85 -9.47
CA PRO A 259 -8.82 25.48 -10.60
C PRO A 259 -7.91 24.52 -11.39
N GLY A 260 -7.70 23.32 -10.86
CA GLY A 260 -7.03 22.25 -11.61
C GLY A 260 -5.96 21.53 -10.81
N PHE A 261 -6.26 21.21 -9.54
CA PHE A 261 -5.29 20.53 -8.67
C PHE A 261 -5.81 19.20 -8.11
N ASP A 262 -6.84 18.65 -8.72
CA ASP A 262 -7.44 17.38 -8.27
C ASP A 262 -7.85 17.44 -6.79
N LEU A 263 -8.68 18.44 -6.50
CA LEU A 263 -9.07 18.75 -5.11
C LEU A 263 -10.29 17.95 -4.67
N ARG A 264 -10.31 17.73 -3.36
CA ARG A 264 -11.50 17.33 -2.63
C ARG A 264 -12.22 18.64 -2.34
N LEU A 265 -13.39 18.83 -2.93
CA LEU A 265 -14.11 20.10 -2.80
C LEU A 265 -14.78 20.32 -1.44
N GLU A 266 -15.14 19.23 -0.76
CA GLU A 266 -15.79 19.28 0.56
C GLU A 266 -15.30 18.14 1.42
N HIS A 267 -14.80 18.44 2.62
CA HIS A 267 -14.42 17.37 3.55
C HIS A 267 -14.57 17.85 4.96
N THR A 268 -15.38 17.14 5.75
CA THR A 268 -15.65 17.54 7.13
C THR A 268 -15.55 16.34 8.08
N HIS A 269 -14.69 16.45 9.09
CA HIS A 269 -14.61 15.46 10.15
C HIS A 269 -15.03 16.11 11.47
N PHE A 270 -15.43 15.30 12.45
CA PHE A 270 -15.89 15.88 13.72
C PHE A 270 -15.52 15.00 14.91
N PHE A 271 -15.55 15.63 16.08
CA PHE A 271 -15.34 14.96 17.37
C PHE A 271 -16.38 15.51 18.35
N SER A 272 -16.36 14.99 19.56
CA SER A 272 -17.31 15.39 20.59
C SER A 272 -16.80 14.97 21.95
N ARG A 273 -17.51 15.40 22.99
CA ARG A 273 -17.15 15.05 24.36
C ARG A 273 -17.89 13.81 24.81
N HIS A 274 -18.69 13.23 23.91
CA HIS A 274 -19.50 12.05 24.24
C HIS A 274 -19.19 10.82 23.39
N GLY A 275 -17.94 10.70 22.95
CA GLY A 275 -17.43 9.48 22.30
C GLY A 275 -17.78 9.24 20.85
N GLU A 276 -18.27 10.27 20.16
CA GLU A 276 -18.70 10.17 18.76
C GLU A 276 -17.86 11.06 17.87
N GLY A 277 -17.45 10.51 16.72
CA GLY A 277 -16.70 11.24 15.74
C GLY A 277 -16.59 10.49 14.43
N GLY A 278 -16.08 11.17 13.41
CA GLY A 278 -15.88 10.56 12.10
C GLY A 278 -16.08 11.56 10.99
N HIS A 279 -16.52 11.03 9.84
CA HIS A 279 -16.68 11.76 8.60
C HIS A 279 -18.14 12.14 8.42
N TYR A 280 -18.39 13.44 8.29
CA TYR A 280 -19.76 13.99 8.15
C TYR A 280 -20.35 13.85 6.75
N HIS A 281 -21.58 13.32 6.66
CA HIS A 281 -22.32 13.26 5.39
C HIS A 281 -23.41 14.33 5.31
N TYR A 282 -24.35 14.31 6.24
CA TYR A 282 -25.41 15.32 6.31
C TYR A 282 -26.19 15.10 7.59
N ASP A 283 -27.11 16.03 7.90
CA ASP A 283 -27.94 15.84 9.08
C ASP A 283 -29.16 15.03 8.71
N THR A 284 -29.68 14.28 9.67
CA THR A 284 -30.82 13.40 9.44
C THR A 284 -32.08 13.90 10.14
N THR A 285 -32.04 15.13 10.66
CA THR A 285 -33.14 15.74 11.41
C THR A 285 -33.28 17.21 10.99
N PRO A 286 -33.76 17.45 9.76
CA PRO A 286 -33.64 18.78 9.17
C PRO A 286 -34.45 19.87 9.89
N ASP A 287 -35.61 19.49 10.43
CA ASP A 287 -36.49 20.47 11.10
C ASP A 287 -35.91 21.00 12.42
N ILE A 288 -35.03 20.24 13.08
CA ILE A 288 -34.49 20.66 14.39
C ILE A 288 -32.97 20.90 14.41
N VAL A 289 -32.29 20.60 13.32
CA VAL A 289 -30.83 20.76 13.28
C VAL A 289 -30.44 22.22 13.49
N GLU A 290 -29.39 22.45 14.26
CA GLU A 290 -28.86 23.78 14.51
C GLU A 290 -27.34 23.78 14.30
N TYR A 291 -26.86 24.64 13.40
CA TYR A 291 -25.42 24.78 13.13
C TYR A 291 -24.96 26.14 13.58
N LEU A 292 -23.76 26.20 14.19
CA LEU A 292 -23.10 27.46 14.54
C LEU A 292 -21.65 27.38 14.09
N GLY A 293 -21.28 28.19 13.10
CA GLY A 293 -19.94 28.12 12.49
C GLY A 293 -19.11 29.40 12.58
N TYR A 294 -17.78 29.21 12.60
CA TYR A 294 -16.80 30.30 12.51
C TYR A 294 -15.84 29.99 11.39
N PHE A 295 -15.86 30.82 10.36
CA PHE A 295 -15.10 30.54 9.13
C PHE A 295 -14.29 31.74 8.64
N LEU A 296 -13.26 31.42 7.86
CA LEU A 296 -12.45 32.42 7.17
C LEU A 296 -12.07 31.93 5.79
N PRO A 297 -11.98 32.86 4.81
CA PRO A 297 -11.40 32.47 3.53
C PRO A 297 -9.90 32.24 3.61
N ALA A 298 -9.42 31.32 2.78
CA ALA A 298 -7.99 31.05 2.61
C ALA A 298 -7.36 31.97 1.54
N GLU A 299 -6.18 32.49 1.84
CA GLU A 299 -5.41 33.33 0.92
C GLU A 299 -4.67 32.50 -0.14
N PHE A 300 -4.27 31.29 0.26
CA PHE A 300 -3.49 30.37 -0.58
C PHE A 300 -4.01 28.95 -0.52
N LEU A 301 -3.83 28.22 -1.62
CA LEU A 301 -3.92 26.76 -1.63
C LEU A 301 -2.54 26.17 -1.88
N TYR A 302 -2.19 25.16 -1.09
CA TYR A 302 -0.97 24.38 -1.31
C TYR A 302 -1.35 22.95 -1.60
N ARG A 303 -0.85 22.43 -2.72
CA ARG A 303 -1.13 21.06 -3.14
C ARG A 303 0.14 20.24 -2.95
N ILE A 304 0.05 19.26 -2.06
CA ILE A 304 1.19 18.44 -1.66
C ILE A 304 0.96 16.97 -2.07
N ASP A 305 1.92 16.41 -2.79
CA ASP A 305 1.89 14.99 -3.17
C ASP A 305 0.60 14.58 -3.88
N GLN A 306 0.21 15.39 -4.86
CA GLN A 306 -0.95 15.10 -5.70
C GLN A 306 -0.76 13.78 -6.44
N PRO A 307 -1.74 12.86 -6.33
CA PRO A 307 -1.62 11.62 -7.08
C PRO A 307 -1.43 11.80 -8.59
N LYS A 308 -0.44 11.08 -9.15
CA LYS A 308 -0.23 11.02 -10.59
C LYS A 308 -1.32 10.15 -11.22
N GLU A 309 -1.72 9.10 -10.52
CA GLU A 309 -2.84 8.25 -10.92
C GLU A 309 -4.05 8.66 -10.09
N THR A 310 -5.08 9.15 -10.75
CA THR A 310 -6.26 9.61 -10.03
C THR A 310 -7.56 9.02 -10.62
N HIS A 311 -8.66 9.30 -9.92
CA HIS A 311 -10.00 8.86 -10.31
C HIS A 311 -10.97 9.60 -9.38
N SER A 312 -12.26 9.42 -9.62
CA SER A 312 -13.29 10.21 -8.92
C SER A 312 -14.11 9.36 -7.95
N ILE A 313 -13.59 8.20 -7.58
CA ILE A 313 -14.26 7.29 -6.67
C ILE A 313 -13.95 7.64 -5.20
N GLY A 314 -14.99 7.54 -4.37
CA GLY A 314 -14.87 7.59 -2.94
C GLY A 314 -14.75 8.96 -2.32
N ARG A 315 -15.28 9.98 -2.99
CA ARG A 315 -15.09 11.37 -2.55
C ARG A 315 -16.21 11.95 -1.70
N ASP A 316 -17.32 11.23 -1.55
CA ASP A 316 -18.37 11.66 -0.63
C ASP A 316 -17.85 11.70 0.81
N CYS B 4 11.20 -0.60 -17.72
CA CYS B 4 11.83 -1.95 -17.93
C CYS B 4 13.24 -1.79 -18.50
N ALA B 5 14.24 -2.15 -17.68
CA ALA B 5 15.66 -2.08 -18.04
C ALA B 5 16.18 -3.47 -18.37
N GLU B 6 17.03 -3.55 -19.39
CA GLU B 6 17.61 -4.80 -19.90
C GLU B 6 19.13 -4.82 -19.66
N PHE B 7 19.67 -5.91 -19.12
CA PHE B 7 21.11 -6.18 -19.27
C PHE B 7 21.41 -7.57 -19.80
N SER B 8 22.54 -7.71 -20.48
CA SER B 8 22.95 -8.98 -21.06
C SER B 8 23.86 -9.74 -20.12
N PHE B 9 23.54 -11.00 -19.88
CA PHE B 9 24.40 -11.88 -19.10
C PHE B 9 25.53 -12.46 -19.94
N HIS B 10 26.60 -12.86 -19.26
CA HIS B 10 27.62 -13.72 -19.85
C HIS B 10 27.02 -15.12 -19.93
N VAL B 11 27.15 -15.76 -21.10
CA VAL B 11 26.56 -17.07 -21.31
C VAL B 11 27.65 -18.01 -21.81
N PRO B 12 28.31 -18.71 -20.88
CA PRO B 12 29.24 -19.76 -21.27
C PRO B 12 28.50 -20.95 -21.89
N SER B 13 29.26 -21.87 -22.47
CA SER B 13 28.68 -23.11 -22.95
C SER B 13 28.13 -23.88 -21.75
N LEU B 14 27.11 -24.69 -21.99
CA LEU B 14 26.53 -25.55 -20.93
C LEU B 14 27.60 -26.48 -20.34
N GLU B 15 28.50 -26.94 -21.19
CA GLU B 15 29.55 -27.87 -20.78
C GLU B 15 30.52 -27.17 -19.83
N GLU B 16 30.93 -25.95 -20.16
CA GLU B 16 31.82 -25.17 -19.29
C GLU B 16 31.15 -24.93 -17.94
N LEU B 17 29.91 -24.45 -17.96
CA LEU B 17 29.14 -24.19 -16.74
C LEU B 17 29.02 -25.42 -15.85
N ALA B 18 28.73 -26.56 -16.45
CA ALA B 18 28.58 -27.80 -15.69
C ALA B 18 29.87 -28.12 -14.92
N GLY B 19 31.02 -27.98 -15.59
CA GLY B 19 32.32 -28.23 -14.97
C GLY B 19 32.63 -27.29 -13.82
N VAL B 20 32.30 -26.00 -13.98
CA VAL B 20 32.52 -25.00 -12.94
C VAL B 20 31.63 -25.29 -11.75
N MET B 21 30.37 -25.62 -12.03
CA MET B 21 29.38 -25.92 -11.00
C MET B 21 29.73 -27.19 -10.24
N GLN B 22 30.12 -28.24 -10.96
CA GLN B 22 30.59 -29.48 -10.34
C GLN B 22 31.69 -29.26 -9.30
N LYS B 23 32.73 -28.53 -9.65
CA LYS B 23 33.89 -28.32 -8.75
C LYS B 23 33.49 -27.63 -7.44
N GLY B 24 32.65 -26.60 -7.53
CA GLY B 24 32.16 -25.90 -6.36
C GLY B 24 31.22 -26.74 -5.50
N LEU B 25 30.33 -27.48 -6.14
CA LEU B 25 29.40 -28.35 -5.41
C LEU B 25 30.15 -29.41 -4.59
N LYS B 26 31.30 -29.87 -5.10
CA LYS B 26 32.06 -30.91 -4.39
C LYS B 26 32.68 -30.38 -3.09
N ASP B 27 32.81 -29.07 -2.95
CA ASP B 27 33.26 -28.48 -1.68
C ASP B 27 32.16 -28.47 -0.61
N ASN B 28 30.91 -28.65 -1.04
CA ASN B 28 29.74 -28.55 -0.17
C ASN B 28 28.91 -29.83 -0.03
N PHE B 29 29.12 -30.79 -0.93
CA PHE B 29 28.44 -32.09 -0.88
C PHE B 29 29.44 -33.21 -1.13
N ALA B 30 29.16 -34.37 -0.56
CA ALA B 30 30.04 -35.55 -0.69
C ALA B 30 29.89 -36.27 -2.01
N ASP B 31 28.74 -36.12 -2.66
CA ASP B 31 28.40 -36.93 -3.81
C ASP B 31 27.77 -36.05 -4.87
N VAL B 32 28.55 -35.67 -5.88
CA VAL B 32 28.04 -34.78 -6.93
C VAL B 32 28.47 -35.17 -8.36
N GLN B 33 27.46 -35.15 -9.24
CA GLN B 33 27.67 -35.27 -10.67
C GLN B 33 26.87 -34.16 -11.35
N VAL B 34 27.55 -33.33 -12.12
CA VAL B 34 26.89 -32.35 -12.98
C VAL B 34 27.22 -32.68 -14.45
N SER B 35 26.20 -32.72 -15.29
CA SER B 35 26.38 -33.01 -16.72
C SER B 35 25.30 -32.37 -17.57
N VAL B 36 25.58 -32.26 -18.87
CA VAL B 36 24.62 -31.75 -19.84
C VAL B 36 23.81 -32.93 -20.38
N VAL B 37 22.50 -32.88 -20.19
CA VAL B 37 21.62 -33.97 -20.59
C VAL B 37 20.43 -33.41 -21.39
N ASP B 38 19.68 -34.28 -22.06
CA ASP B 38 18.41 -33.87 -22.62
C ASP B 38 17.48 -33.57 -21.45
N CYS B 39 16.75 -32.48 -21.55
CA CYS B 39 15.78 -32.15 -20.51
C CYS B 39 14.73 -33.24 -20.42
N PRO B 40 14.48 -33.77 -19.21
CA PRO B 40 13.40 -34.74 -19.09
C PRO B 40 12.05 -34.11 -19.43
N ASP B 41 11.06 -34.94 -19.73
CA ASP B 41 9.72 -34.44 -20.00
C ASP B 41 9.08 -33.90 -18.70
N LEU B 42 9.05 -32.58 -18.59
CA LEU B 42 8.57 -31.90 -17.36
C LEU B 42 7.04 -31.89 -17.20
N THR B 43 6.31 -32.44 -18.18
CA THR B 43 4.85 -32.65 -18.00
C THR B 43 4.54 -33.87 -17.12
N LYS B 44 5.57 -34.68 -16.86
CA LYS B 44 5.45 -35.89 -16.06
C LYS B 44 5.75 -35.59 -14.61
N GLU B 45 5.33 -36.51 -13.73
CA GLU B 45 5.63 -36.40 -12.32
C GLU B 45 7.15 -36.49 -12.10
N PRO B 46 7.69 -35.79 -11.10
CA PRO B 46 6.96 -35.01 -10.09
C PRO B 46 6.69 -33.55 -10.47
N PHE B 47 7.08 -33.11 -11.68
CA PHE B 47 6.95 -31.71 -12.04
C PHE B 47 5.54 -31.31 -12.46
N THR B 48 5.00 -32.12 -13.36
CA THR B 48 3.73 -31.90 -14.07
C THR B 48 3.50 -30.45 -14.48
N PHE B 49 4.52 -29.90 -15.14
CA PHE B 49 4.44 -28.57 -15.71
C PHE B 49 3.54 -28.58 -16.94
N PRO B 50 3.01 -27.40 -17.33
CA PRO B 50 2.20 -27.34 -18.57
C PRO B 50 2.99 -27.39 -19.88
N VAL B 51 4.31 -27.54 -19.80
CA VAL B 51 5.18 -27.71 -20.98
C VAL B 51 6.27 -28.74 -20.69
N LYS B 52 6.94 -29.23 -21.73
CA LYS B 52 7.90 -30.34 -21.62
C LYS B 52 9.31 -29.95 -21.16
N GLY B 53 9.70 -28.69 -21.35
CA GLY B 53 11.08 -28.26 -21.09
C GLY B 53 11.23 -26.83 -20.61
N ILE B 54 12.49 -26.43 -20.42
CA ILE B 54 12.85 -25.09 -19.97
C ILE B 54 13.81 -24.37 -20.95
N CYS B 55 13.93 -24.90 -22.17
CA CYS B 55 14.89 -24.37 -23.15
C CYS B 55 14.32 -23.30 -24.06
N GLY B 56 15.21 -22.44 -24.55
CA GLY B 56 14.90 -21.46 -25.58
C GLY B 56 14.74 -20.05 -25.05
N LYS B 57 15.60 -19.15 -25.54
CA LYS B 57 15.52 -17.71 -25.25
C LYS B 57 15.37 -17.45 -23.75
N THR B 58 16.23 -18.09 -22.97
CA THR B 58 16.18 -18.00 -21.52
C THR B 58 16.46 -16.56 -21.07
N ARG B 59 15.79 -16.18 -20.01
CA ARG B 59 15.96 -14.85 -19.46
C ARG B 59 15.36 -14.78 -18.07
N ILE B 60 15.86 -13.84 -17.27
CA ILE B 60 15.36 -13.61 -15.91
C ILE B 60 14.65 -12.28 -15.85
N ALA B 61 13.55 -12.24 -15.11
CA ALA B 61 12.84 -11.01 -14.83
C ALA B 61 12.84 -10.82 -13.32
N GLU B 62 13.28 -9.65 -12.88
CA GLU B 62 13.19 -9.25 -11.49
C GLU B 62 12.16 -8.10 -11.45
N VAL B 63 11.02 -8.37 -10.82
CA VAL B 63 9.88 -7.45 -10.81
C VAL B 63 9.68 -6.91 -9.39
N GLY B 64 9.52 -5.60 -9.26
CA GLY B 64 9.22 -4.99 -7.96
C GLY B 64 10.32 -5.29 -6.95
N GLY B 65 9.93 -5.65 -5.73
CA GLY B 65 10.92 -5.96 -4.72
C GLY B 65 10.39 -5.95 -3.31
N VAL B 66 11.20 -6.48 -2.39
CA VAL B 66 10.80 -6.51 -1.00
C VAL B 66 10.48 -5.08 -0.47
N PRO B 67 11.19 -4.04 -0.96
CA PRO B 67 10.75 -2.70 -0.52
C PRO B 67 9.28 -2.33 -0.84
N TYR B 68 8.58 -3.07 -1.68
CA TYR B 68 7.16 -2.80 -1.91
C TYR B 68 6.27 -3.46 -0.87
N LEU B 69 6.83 -4.42 -0.15
CA LEU B 69 6.16 -5.11 0.97
C LEU B 69 6.40 -4.47 2.33
N LEU B 70 7.61 -3.96 2.53
CA LEU B 70 8.18 -3.60 3.85
C LEU B 70 8.90 -2.27 3.75
N PRO B 71 8.98 -1.48 4.86
CA PRO B 71 8.34 -1.70 6.16
C PRO B 71 6.81 -1.70 6.17
N LEU B 72 6.22 -0.84 5.33
CA LEU B 72 4.78 -0.78 5.06
C LEU B 72 4.50 -1.21 3.61
N VAL B 73 3.36 -1.82 3.38
CA VAL B 73 3.04 -2.37 2.04
C VAL B 73 2.40 -1.35 1.09
N ASN B 74 2.87 -1.36 -0.14
CA ASN B 74 2.17 -0.68 -1.19
C ASN B 74 1.30 -1.67 -1.95
N GLN B 75 0.03 -1.74 -1.57
CA GLN B 75 -0.88 -2.73 -2.18
C GLN B 75 -1.27 -2.42 -3.64
N LYS B 76 -0.86 -1.25 -4.12
CA LYS B 76 -1.07 -0.90 -5.52
C LYS B 76 -0.14 -1.66 -6.46
N LYS B 77 0.90 -2.28 -5.91
CA LYS B 77 1.94 -2.98 -6.72
C LYS B 77 1.49 -4.38 -7.06
N VAL B 78 0.56 -4.41 -8.02
CA VAL B 78 0.02 -5.63 -8.61
C VAL B 78 0.53 -5.81 -10.04
N TYR B 79 0.69 -7.06 -10.45
CA TYR B 79 1.33 -7.37 -11.73
C TYR B 79 0.59 -8.49 -12.43
N ASP B 80 0.79 -8.55 -13.74
CA ASP B 80 0.16 -9.56 -14.59
C ASP B 80 1.28 -10.28 -15.35
N LEU B 81 1.43 -11.58 -15.08
CA LEU B 81 2.55 -12.36 -15.61
C LEU B 81 2.48 -12.51 -17.13
N ASN B 82 1.26 -12.51 -17.65
CA ASN B 82 1.05 -12.55 -19.09
C ASN B 82 1.56 -11.24 -19.72
N LYS B 83 1.32 -10.11 -19.06
CA LYS B 83 1.87 -8.80 -19.50
C LYS B 83 3.38 -8.72 -19.30
N ILE B 84 3.88 -9.30 -18.21
CA ILE B 84 5.32 -9.34 -17.96
C ILE B 84 6.06 -10.06 -19.11
N ALA B 85 5.48 -11.16 -19.61
CA ALA B 85 6.11 -11.92 -20.71
C ALA B 85 6.35 -11.06 -21.96
N LYS B 86 5.38 -10.20 -22.26
CA LYS B 86 5.50 -9.29 -23.40
C LYS B 86 6.52 -8.20 -23.12
N GLU B 87 6.56 -7.75 -21.86
CA GLU B 87 7.49 -6.71 -21.45
C GLU B 87 8.96 -7.18 -21.46
N ILE B 88 9.19 -8.48 -21.24
CA ILE B 88 10.54 -9.04 -21.33
C ILE B 88 10.83 -9.61 -22.74
N LYS B 89 9.99 -9.25 -23.71
CA LYS B 89 10.22 -9.54 -25.14
C LYS B 89 10.18 -11.03 -25.46
N LEU B 90 9.35 -11.75 -24.72
CA LEU B 90 9.11 -13.15 -24.97
C LEU B 90 7.63 -13.48 -24.83
N PRO B 91 6.81 -13.00 -25.77
CA PRO B 91 5.42 -13.42 -25.78
C PRO B 91 5.35 -14.96 -25.83
N GLY B 92 4.46 -15.53 -25.03
CA GLY B 92 4.32 -16.99 -24.95
C GLY B 92 5.39 -17.67 -24.11
N ALA B 93 6.07 -16.88 -23.29
CA ALA B 93 7.05 -17.43 -22.38
C ALA B 93 6.40 -18.41 -21.41
N PHE B 94 7.17 -19.45 -21.07
CA PHE B 94 6.88 -20.30 -19.94
C PHE B 94 7.67 -19.72 -18.76
N ILE B 95 6.98 -19.47 -17.65
CA ILE B 95 7.56 -18.74 -16.52
C ILE B 95 7.56 -19.57 -15.25
N LEU B 96 8.72 -19.68 -14.60
CA LEU B 96 8.88 -20.32 -13.30
C LEU B 96 9.44 -19.30 -12.34
N GLY B 97 9.20 -19.47 -11.05
CA GLY B 97 9.95 -18.71 -10.04
C GLY B 97 9.27 -18.57 -8.71
N ALA B 98 9.44 -17.39 -8.13
CA ALA B 98 9.08 -17.14 -6.73
C ALA B 98 8.60 -15.71 -6.56
N GLY B 99 7.53 -15.52 -5.82
CA GLY B 99 7.07 -14.17 -5.54
C GLY B 99 5.93 -14.16 -4.56
N ALA B 100 5.42 -12.97 -4.25
CA ALA B 100 4.24 -12.83 -3.42
C ALA B 100 2.99 -13.16 -4.23
N GLY B 101 2.03 -13.81 -3.61
CA GLY B 101 0.78 -14.13 -4.31
C GLY B 101 -0.11 -12.93 -4.53
N PRO B 102 -1.12 -13.08 -5.41
CA PRO B 102 -2.05 -11.97 -5.63
C PRO B 102 -3.12 -11.88 -4.54
N PHE B 103 -2.82 -11.14 -3.46
CA PHE B 103 -3.81 -10.90 -2.41
C PHE B 103 -5.06 -10.25 -2.98
N GLN B 104 -4.89 -9.52 -4.11
CA GLN B 104 -6.00 -8.80 -4.73
C GLN B 104 -7.05 -9.72 -5.36
N THR B 105 -6.71 -10.98 -5.56
CA THR B 105 -7.69 -11.97 -6.03
C THR B 105 -7.96 -13.03 -4.97
N LEU B 106 -6.97 -13.33 -4.14
CA LEU B 106 -7.09 -14.41 -3.17
C LEU B 106 -7.67 -13.97 -1.82
N GLY B 107 -7.50 -12.71 -1.47
CA GLY B 107 -8.10 -12.16 -0.25
C GLY B 107 -7.25 -12.35 0.98
N PHE B 108 -6.07 -12.93 0.79
CA PHE B 108 -5.07 -13.14 1.82
C PHE B 108 -3.70 -13.16 1.16
N ASN B 109 -2.67 -12.91 1.95
CA ASN B 109 -1.27 -13.04 1.54
C ASN B 109 -0.88 -14.49 1.32
N SER B 110 0.04 -14.69 0.41
CA SER B 110 0.54 -16.01 0.15
C SER B 110 1.92 -15.98 -0.48
N GLU B 111 2.61 -17.12 -0.38
CA GLU B 111 3.83 -17.39 -1.14
C GLU B 111 3.40 -17.96 -2.49
N PHE B 112 3.90 -17.38 -3.58
CA PHE B 112 3.48 -17.77 -4.92
C PHE B 112 4.56 -18.56 -5.64
N MET B 113 4.16 -19.65 -6.28
CA MET B 113 5.02 -20.53 -7.07
C MET B 113 4.51 -20.44 -8.52
N PRO B 114 4.90 -19.39 -9.27
CA PRO B 114 4.43 -19.25 -10.65
C PRO B 114 4.95 -20.39 -11.54
N VAL B 115 4.03 -21.01 -12.26
CA VAL B 115 4.35 -22.07 -13.22
C VAL B 115 3.34 -21.80 -14.34
N ILE B 116 3.71 -20.96 -15.30
CA ILE B 116 2.72 -20.43 -16.25
C ILE B 116 3.21 -20.47 -17.67
N GLN B 117 2.40 -21.11 -18.52
CA GLN B 117 2.48 -20.92 -19.97
C GLN B 117 1.64 -19.69 -20.30
N THR B 118 2.31 -18.59 -20.62
CA THR B 118 1.60 -17.37 -20.98
C THR B 118 1.06 -17.43 -22.41
N GLU B 119 0.11 -16.55 -22.71
CA GLU B 119 -0.58 -16.52 -23.99
C GLU B 119 0.27 -15.88 -25.10
N SER B 120 0.32 -16.56 -26.25
CA SER B 120 0.79 -15.94 -27.49
C SER B 120 -0.09 -16.38 -28.66
N GLU B 121 0.16 -15.80 -29.84
CA GLU B 121 -0.59 -16.13 -31.05
C GLU B 121 -0.68 -17.62 -31.30
N HIS B 122 0.36 -18.37 -30.93
CA HIS B 122 0.44 -19.80 -31.22
C HIS B 122 0.62 -20.68 -29.98
N LYS B 123 0.34 -20.12 -28.80
CA LYS B 123 0.41 -20.85 -27.54
C LYS B 123 -0.77 -20.52 -26.62
N PRO B 124 -1.72 -21.46 -26.46
CA PRO B 124 -2.77 -21.30 -25.46
C PRO B 124 -2.21 -21.18 -24.04
N PRO B 125 -2.79 -20.30 -23.20
CA PRO B 125 -2.26 -20.13 -21.86
C PRO B 125 -2.69 -21.22 -20.88
N VAL B 126 -1.81 -21.49 -19.92
CA VAL B 126 -2.10 -22.42 -18.83
C VAL B 126 -1.46 -21.85 -17.56
N ASN B 127 -2.26 -21.59 -16.54
CA ASN B 127 -1.73 -21.16 -15.26
C ASN B 127 -1.66 -22.37 -14.30
N GLY B 128 -0.48 -22.97 -14.25
CA GLY B 128 -0.23 -24.09 -13.35
C GLY B 128 0.36 -23.76 -12.00
N SER B 129 0.28 -22.49 -11.62
CA SER B 129 0.88 -22.00 -10.39
C SER B 129 0.25 -22.59 -9.14
N TYR B 130 1.04 -22.62 -8.07
CA TYR B 130 0.60 -22.98 -6.73
C TYR B 130 0.79 -21.77 -5.80
N PHE B 131 0.06 -21.80 -4.69
CA PHE B 131 0.22 -20.80 -3.63
C PHE B 131 0.12 -21.47 -2.27
N ALA B 132 0.89 -20.97 -1.33
CA ALA B 132 0.91 -21.46 0.03
C ALA B 132 0.56 -20.32 0.99
N HIS B 133 -0.32 -20.61 1.94
CA HIS B 133 -0.77 -19.60 2.89
C HIS B 133 -0.98 -20.24 4.28
N VAL B 134 -1.08 -19.38 5.30
CA VAL B 134 -1.13 -19.85 6.69
C VAL B 134 -2.56 -20.06 7.09
N ASN B 135 -2.86 -21.29 7.51
CA ASN B 135 -4.18 -21.63 8.02
C ASN B 135 -4.46 -20.88 9.33
N PRO B 136 -5.54 -20.07 9.36
CA PRO B 136 -5.92 -19.41 10.61
C PRO B 136 -6.30 -20.38 11.73
N ALA B 137 -6.78 -21.57 11.37
CA ALA B 137 -7.23 -22.56 12.34
C ALA B 137 -6.15 -23.04 13.31
N ASP B 138 -4.91 -23.15 12.85
CA ASP B 138 -3.81 -23.74 13.66
C ASP B 138 -2.39 -23.28 13.27
N GLY B 139 -2.29 -22.35 12.33
CA GLY B 139 -1.00 -21.91 11.81
C GLY B 139 -0.37 -22.84 10.78
N GLY B 140 -1.10 -23.87 10.35
CA GLY B 140 -0.53 -24.85 9.41
C GLY B 140 -0.40 -24.36 7.99
N CYS B 141 0.49 -24.98 7.21
CA CYS B 141 0.58 -24.66 5.78
C CYS B 141 -0.61 -25.23 5.01
N LEU B 142 -1.18 -24.41 4.14
CA LEU B 142 -2.21 -24.80 3.18
C LEU B 142 -1.67 -24.52 1.79
N LEU B 143 -1.56 -25.55 0.96
CA LEU B 143 -1.03 -25.39 -0.41
C LEU B 143 -2.18 -25.65 -1.38
N GLU B 144 -2.36 -24.75 -2.34
CA GLU B 144 -3.43 -24.85 -3.33
C GLU B 144 -2.94 -24.52 -4.74
N LYS B 145 -3.69 -25.04 -5.72
CA LYS B 145 -3.50 -24.70 -7.14
C LYS B 145 -4.29 -23.43 -7.43
N TYR B 146 -3.59 -22.42 -7.93
CA TYR B 146 -4.20 -21.13 -8.20
C TYR B 146 -5.43 -21.21 -9.11
N SER B 147 -5.35 -22.03 -10.17
CA SER B 147 -6.40 -22.09 -11.17
C SER B 147 -7.70 -22.68 -10.62
N GLU B 148 -7.63 -23.30 -9.43
CA GLU B 148 -8.83 -23.81 -8.78
C GLU B 148 -9.54 -22.73 -7.98
N LYS B 149 -8.88 -21.58 -7.82
CA LYS B 149 -9.48 -20.42 -7.13
C LYS B 149 -9.74 -19.23 -8.06
N CYS B 150 -8.79 -18.91 -8.95
CA CYS B 150 -8.96 -17.76 -9.87
C CYS B 150 -8.41 -18.07 -11.27
N HIS B 151 -8.94 -17.41 -12.31
CA HIS B 151 -8.58 -17.74 -13.69
C HIS B 151 -7.70 -16.73 -14.45
N ASP B 152 -6.96 -15.92 -13.70
CA ASP B 152 -6.13 -14.84 -14.26
C ASP B 152 -4.62 -15.15 -14.16
N PHE B 153 -3.77 -14.15 -14.41
CA PHE B 153 -2.32 -14.34 -14.33
C PHE B 153 -1.69 -13.39 -13.33
N GLN B 154 -2.43 -13.04 -12.29
CA GLN B 154 -1.96 -12.01 -11.35
C GLN B 154 -0.91 -12.53 -10.37
N CYS B 155 -0.09 -11.57 -9.93
CA CYS B 155 0.73 -11.70 -8.74
C CYS B 155 0.90 -10.29 -8.14
N ALA B 156 1.76 -10.14 -7.14
CA ALA B 156 1.88 -8.87 -6.44
C ALA B 156 3.26 -8.65 -5.83
N LEU B 157 3.63 -7.39 -5.72
CA LEU B 157 4.71 -6.84 -4.86
C LEU B 157 6.13 -7.11 -5.35
N LEU B 158 6.43 -8.36 -5.65
CA LEU B 158 7.75 -8.78 -6.06
C LEU B 158 7.69 -10.16 -6.71
N ALA B 159 8.56 -10.36 -7.69
CA ALA B 159 8.67 -11.66 -8.35
C ALA B 159 10.06 -11.79 -8.91
N ASN B 160 10.62 -12.98 -8.75
CA ASN B 160 11.89 -13.33 -9.36
C ASN B 160 11.58 -14.54 -10.24
N LEU B 161 11.78 -14.36 -11.54
CA LEU B 161 11.22 -15.22 -12.57
C LEU B 161 12.26 -15.69 -13.56
N PHE B 162 12.16 -16.98 -13.94
CA PHE B 162 12.92 -17.55 -15.02
C PHE B 162 11.97 -17.89 -16.15
N ALA B 163 12.24 -17.28 -17.32
CA ALA B 163 11.41 -17.39 -18.50
C ALA B 163 12.14 -18.06 -19.65
N SER B 164 11.40 -18.86 -20.41
CA SER B 164 11.97 -19.55 -21.54
C SER B 164 10.86 -19.88 -22.53
N GLU B 165 11.24 -20.53 -23.63
CA GLU B 165 10.25 -20.97 -24.62
C GLU B 165 9.61 -22.32 -24.22
N GLY B 166 10.06 -22.90 -23.11
CA GLY B 166 9.49 -24.17 -22.62
C GLY B 166 9.80 -25.36 -23.50
N GLN B 167 10.87 -25.25 -24.29
CA GLN B 167 11.20 -26.25 -25.31
C GLN B 167 12.05 -27.39 -24.73
N PRO B 168 11.93 -28.59 -25.30
CA PRO B 168 12.92 -29.63 -25.02
C PRO B 168 14.30 -29.21 -25.52
N GLY B 169 15.35 -29.85 -25.03
CA GLY B 169 16.70 -29.48 -25.38
C GLY B 169 17.67 -29.80 -24.25
N LYS B 170 18.91 -29.37 -24.44
CA LYS B 170 19.97 -29.64 -23.49
C LYS B 170 19.83 -28.75 -22.25
N VAL B 171 20.04 -29.35 -21.09
CA VAL B 171 20.06 -28.63 -19.82
C VAL B 171 21.19 -29.16 -18.97
N ILE B 172 21.56 -28.39 -17.95
CA ILE B 172 22.53 -28.85 -16.95
C ILE B 172 21.79 -29.65 -15.86
N GLU B 173 22.10 -30.94 -15.78
CA GLU B 173 21.56 -31.77 -14.70
C GLU B 173 22.56 -31.79 -13.55
N VAL B 174 22.07 -31.49 -12.35
CA VAL B 174 22.88 -31.48 -11.13
C VAL B 174 22.36 -32.54 -10.18
N LYS B 175 23.24 -33.46 -9.77
CA LYS B 175 22.90 -34.41 -8.73
C LYS B 175 23.84 -34.12 -7.59
N ALA B 176 23.28 -33.76 -6.44
CA ALA B 176 24.09 -33.44 -5.25
C ALA B 176 23.49 -34.09 -4.00
N LYS B 177 24.27 -34.93 -3.33
CA LYS B 177 23.78 -35.64 -2.16
C LYS B 177 24.77 -35.56 -1.00
N ARG B 178 24.22 -35.50 0.22
CA ARG B 178 24.98 -35.49 1.47
C ARG B 178 25.77 -34.18 1.60
N ARG B 179 25.15 -33.20 2.23
CA ARG B 179 25.77 -31.89 2.39
C ARG B 179 26.85 -31.91 3.45
N THR B 180 28.04 -31.47 3.05
CA THR B 180 29.22 -31.48 3.91
C THR B 180 29.66 -30.07 4.34
N GLY B 181 29.10 -29.06 3.71
CA GLY B 181 29.47 -27.68 4.01
C GLY B 181 28.25 -26.87 4.42
N PRO B 182 28.44 -25.58 4.76
CA PRO B 182 27.33 -24.82 5.35
C PRO B 182 26.31 -24.21 4.38
N LEU B 183 26.62 -24.18 3.09
CA LEU B 183 25.78 -23.48 2.13
C LEU B 183 24.59 -24.30 1.72
N ASN B 184 23.47 -23.63 1.47
CA ASN B 184 22.34 -24.30 0.83
C ASN B 184 22.63 -24.59 -0.66
N PHE B 185 21.80 -25.43 -1.28
CA PHE B 185 22.05 -25.89 -2.65
C PHE B 185 22.21 -24.73 -3.66
N VAL B 186 21.32 -23.74 -3.54
CA VAL B 186 21.27 -22.60 -4.47
C VAL B 186 22.43 -21.63 -4.21
N THR B 187 22.70 -21.33 -2.93
CA THR B 187 23.83 -20.44 -2.58
C THR B 187 25.14 -21.06 -3.03
N CYS B 188 25.27 -22.37 -2.85
CA CYS B 188 26.47 -23.08 -3.29
C CYS B 188 26.70 -22.84 -4.80
N MET B 189 25.70 -23.05 -5.65
CA MET B 189 25.87 -22.85 -7.09
C MET B 189 26.14 -21.38 -7.42
N ARG B 190 25.41 -20.48 -6.76
CA ARG B 190 25.51 -19.06 -7.04
C ARG B 190 26.90 -18.53 -6.71
N GLU B 191 27.39 -18.88 -5.51
CA GLU B 191 28.70 -18.39 -5.07
C GLU B 191 29.83 -19.05 -5.86
N THR B 192 29.64 -20.30 -6.26
CA THR B 192 30.59 -21.00 -7.13
C THR B 192 30.74 -20.29 -8.47
N LEU B 193 29.61 -19.89 -9.08
CA LEU B 193 29.67 -19.14 -10.34
C LEU B 193 30.32 -17.76 -10.14
N GLU B 194 29.97 -17.10 -9.04
CA GLU B 194 30.54 -15.78 -8.72
C GLU B 194 32.05 -15.85 -8.57
N LYS B 195 32.52 -16.87 -7.85
CA LYS B 195 33.96 -17.01 -7.63
C LYS B 195 34.70 -17.24 -8.95
N HIS B 196 34.14 -18.07 -9.83
CA HIS B 196 34.81 -18.39 -11.09
C HIS B 196 34.75 -17.24 -12.10
N TYR B 197 33.54 -16.73 -12.32
CA TYR B 197 33.28 -15.76 -13.39
C TYR B 197 33.44 -14.29 -12.98
N GLY B 198 33.34 -14.00 -11.69
CA GLY B 198 33.57 -12.65 -11.17
C GLY B 198 32.73 -11.55 -11.82
N ASN B 199 33.40 -10.63 -12.53
CA ASN B 199 32.72 -9.47 -13.13
C ASN B 199 31.86 -9.79 -14.37
N LYS B 200 31.94 -11.04 -14.87
CA LYS B 200 31.06 -11.51 -15.93
C LYS B 200 29.84 -12.15 -15.26
N PRO B 201 28.67 -11.46 -15.29
CA PRO B 201 27.52 -11.95 -14.54
C PRO B 201 26.88 -13.18 -15.17
N ILE B 202 26.48 -14.12 -14.32
CA ILE B 202 25.76 -15.31 -14.74
C ILE B 202 24.38 -15.28 -14.07
N GLY B 203 23.34 -15.54 -14.85
CA GLY B 203 22.00 -15.75 -14.33
C GLY B 203 21.55 -17.19 -14.58
N MET B 204 20.82 -17.76 -13.63
CA MET B 204 20.44 -19.18 -13.71
C MET B 204 19.06 -19.47 -13.11
N GLY B 205 18.34 -20.40 -13.72
CA GLY B 205 17.09 -20.84 -13.15
C GLY B 205 16.73 -22.20 -13.70
N GLY B 206 15.52 -22.64 -13.39
CA GLY B 206 15.04 -23.96 -13.79
C GLY B 206 14.27 -24.56 -12.63
N THR B 207 14.56 -25.81 -12.32
CA THR B 207 13.83 -26.51 -11.26
C THR B 207 14.68 -27.59 -10.61
N PHE B 208 14.40 -27.89 -9.35
CA PHE B 208 15.05 -29.02 -8.72
C PHE B 208 14.10 -29.70 -7.77
N ILE B 209 14.37 -30.98 -7.55
CA ILE B 209 13.62 -31.78 -6.61
C ILE B 209 14.51 -32.00 -5.39
N ILE B 210 13.98 -31.76 -4.20
CA ILE B 210 14.58 -32.25 -2.97
C ILE B 210 13.94 -33.62 -2.78
N GLN B 211 14.73 -34.66 -3.06
CA GLN B 211 14.26 -36.04 -3.14
C GLN B 211 14.18 -36.69 -1.76
N LYS B 212 15.09 -36.30 -0.88
CA LYS B 212 15.20 -36.85 0.47
C LYS B 212 15.61 -35.73 1.40
N GLY B 213 15.17 -35.81 2.65
CA GLY B 213 15.53 -34.82 3.67
C GLY B 213 14.43 -33.83 4.02
N LYS B 214 14.76 -32.88 4.90
CA LYS B 214 13.82 -31.87 5.36
C LYS B 214 14.41 -30.50 5.17
N VAL B 215 13.55 -29.48 5.17
CA VAL B 215 13.99 -28.10 4.97
C VAL B 215 13.34 -27.14 5.96
N LYS B 216 14.03 -26.04 6.22
CA LYS B 216 13.41 -24.86 6.86
C LYS B 216 12.80 -24.00 5.76
N SER B 217 11.55 -23.64 5.96
CA SER B 217 10.86 -22.74 5.04
C SER B 217 10.09 -21.67 5.79
N HIS B 218 9.53 -20.72 5.07
CA HIS B 218 8.55 -19.82 5.67
C HIS B 218 7.41 -19.51 4.71
N ILE B 219 6.34 -19.00 5.31
CA ILE B 219 5.19 -18.46 4.59
C ILE B 219 4.80 -17.17 5.34
N MET B 220 4.59 -16.09 4.59
CA MET B 220 4.07 -14.84 5.17
C MET B 220 2.70 -15.06 5.79
N PRO B 221 2.37 -14.32 6.85
CA PRO B 221 1.05 -14.45 7.45
C PRO B 221 -0.02 -13.92 6.49
N ALA B 222 -1.27 -14.29 6.74
CA ALA B 222 -2.37 -13.99 5.81
C ALA B 222 -2.68 -12.49 5.71
N GLU B 223 -2.42 -11.76 6.80
CA GLU B 223 -2.66 -10.33 6.86
C GLU B 223 -1.36 -9.54 6.84
N PHE B 224 -1.32 -8.41 6.14
CA PHE B 224 -0.16 -7.53 6.19
C PHE B 224 0.04 -7.04 7.61
N SER B 225 1.29 -6.76 7.97
CA SER B 225 1.61 -6.32 9.31
C SER B 225 0.88 -5.03 9.64
N SER B 226 0.33 -5.00 10.85
CA SER B 226 -0.37 -3.84 11.34
C SER B 226 0.59 -2.73 11.80
N CYS B 227 1.88 -3.05 11.93
CA CYS B 227 2.91 -2.04 12.20
C CYS B 227 4.07 -2.12 11.20
N PRO B 228 4.82 -1.02 11.02
CA PRO B 228 5.97 -1.11 10.11
C PRO B 228 7.02 -2.14 10.57
N LEU B 229 7.55 -2.90 9.64
CA LEU B 229 8.56 -3.91 9.90
C LEU B 229 9.91 -3.33 9.47
N ASN B 230 10.70 -2.89 10.45
CA ASN B 230 11.88 -2.06 10.19
C ASN B 230 13.22 -2.78 10.25
N SER B 231 13.23 -4.04 10.71
CA SER B 231 14.46 -4.83 10.80
C SER B 231 14.16 -6.27 10.44
N ASP B 232 15.21 -7.03 10.15
CA ASP B 232 15.09 -8.44 9.87
C ASP B 232 14.50 -9.18 11.06
N GLU B 233 14.87 -8.80 12.28
CA GLU B 233 14.30 -9.43 13.47
C GLU B 233 12.77 -9.27 13.54
N GLU B 234 12.29 -8.07 13.20
CA GLU B 234 10.87 -7.76 13.20
C GLU B 234 10.15 -8.55 12.09
N VAL B 235 10.75 -8.63 10.91
CA VAL B 235 10.24 -9.42 9.79
C VAL B 235 10.12 -10.90 10.21
N ASN B 236 11.16 -11.43 10.83
CA ASN B 236 11.18 -12.84 11.19
C ASN B 236 10.15 -13.21 12.26
N LYS B 237 9.81 -12.28 13.15
CA LYS B 237 8.74 -12.51 14.14
C LYS B 237 7.36 -12.52 13.49
N TRP B 238 7.24 -11.82 12.35
CA TRP B 238 5.99 -11.73 11.59
C TRP B 238 5.80 -12.98 10.72
N LEU B 239 6.86 -13.41 10.06
CA LEU B 239 6.85 -14.59 9.20
C LEU B 239 6.58 -15.85 10.03
N HIS B 240 5.97 -16.83 9.37
CA HIS B 240 5.68 -18.14 9.94
C HIS B 240 6.69 -19.14 9.40
N PHE B 241 7.44 -19.80 10.27
CA PHE B 241 8.46 -20.76 9.82
C PHE B 241 8.01 -22.18 10.03
N TYR B 242 8.48 -23.07 9.16
CA TYR B 242 8.13 -24.49 9.17
C TYR B 242 9.35 -25.36 8.92
N GLU B 243 9.25 -26.62 9.31
CA GLU B 243 10.13 -27.66 8.79
C GLU B 243 9.27 -28.53 7.87
N MET B 244 9.62 -28.55 6.58
CA MET B 244 8.90 -29.35 5.59
C MET B 244 9.75 -30.49 5.07
N LYS B 245 9.11 -31.46 4.44
CA LYS B 245 9.74 -32.73 4.10
C LYS B 245 9.70 -33.05 2.60
N ALA B 246 10.75 -33.73 2.14
CA ALA B 246 10.83 -34.22 0.76
C ALA B 246 9.71 -35.21 0.49
N PRO B 247 9.30 -35.37 -0.78
CA PRO B 247 9.79 -34.67 -1.96
C PRO B 247 9.18 -33.29 -2.18
N LEU B 248 10.04 -32.34 -2.53
CA LEU B 248 9.65 -30.95 -2.79
C LEU B 248 10.13 -30.57 -4.18
N VAL B 249 9.26 -29.89 -4.95
CA VAL B 249 9.61 -29.41 -6.29
C VAL B 249 9.87 -27.91 -6.18
N CYS B 250 11.10 -27.52 -6.47
CA CYS B 250 11.61 -26.18 -6.17
C CYS B 250 11.87 -25.37 -7.44
N LEU B 251 11.67 -24.06 -7.35
CA LEU B 251 11.80 -23.15 -8.47
C LEU B 251 12.75 -22.00 -8.07
N PRO B 252 14.06 -22.16 -8.33
CA PRO B 252 15.04 -21.16 -7.98
C PRO B 252 15.36 -20.16 -9.11
N VAL B 253 15.69 -18.96 -8.71
CA VAL B 253 16.24 -17.94 -9.63
C VAL B 253 17.44 -17.32 -8.94
N PHE B 254 18.60 -17.36 -9.57
CA PHE B 254 19.79 -16.82 -8.92
C PHE B 254 20.76 -16.18 -9.88
N VAL B 255 21.47 -15.18 -9.36
CA VAL B 255 22.39 -14.35 -10.15
C VAL B 255 23.73 -14.29 -9.42
N SER B 256 24.81 -14.44 -10.16
CA SER B 256 26.14 -14.53 -9.56
C SER B 256 26.60 -13.17 -9.05
N ARG B 257 26.16 -12.09 -9.71
CA ARG B 257 26.55 -10.73 -9.35
C ARG B 257 25.46 -9.75 -9.78
N ASP B 258 25.21 -8.73 -8.94
CA ASP B 258 24.32 -7.64 -9.30
C ASP B 258 25.15 -6.49 -9.89
N PRO B 259 25.00 -6.24 -11.21
CA PRO B 259 25.67 -5.14 -11.90
C PRO B 259 25.27 -3.74 -11.42
N GLY B 260 24.09 -3.62 -10.81
CA GLY B 260 23.59 -2.37 -10.27
C GLY B 260 22.10 -2.17 -10.51
N PHE B 261 21.29 -3.20 -10.26
CA PHE B 261 19.85 -3.16 -10.53
C PHE B 261 18.99 -3.53 -9.32
N ASP B 262 19.56 -3.45 -8.11
CA ASP B 262 18.86 -3.80 -6.88
C ASP B 262 18.20 -5.18 -6.98
N LEU B 263 19.03 -6.18 -7.30
CA LEU B 263 18.59 -7.55 -7.49
C LEU B 263 18.51 -8.34 -6.20
N ARG B 264 17.58 -9.30 -6.20
CA ARG B 264 17.54 -10.41 -5.26
C ARG B 264 18.47 -11.48 -5.81
N LEU B 265 19.53 -11.79 -5.11
CA LEU B 265 20.56 -12.67 -5.62
C LEU B 265 20.14 -14.14 -5.71
N GLU B 266 19.33 -14.60 -4.77
CA GLU B 266 18.72 -15.91 -4.85
C GLU B 266 17.34 -15.88 -4.26
N HIS B 267 16.44 -16.60 -4.91
CA HIS B 267 15.10 -16.75 -4.40
C HIS B 267 14.55 -18.07 -4.89
N THR B 268 14.09 -18.90 -3.95
CA THR B 268 13.56 -20.23 -4.28
C THR B 268 12.26 -20.48 -3.53
N HIS B 269 11.18 -20.79 -4.27
CA HIS B 269 9.92 -21.26 -3.67
C HIS B 269 9.68 -22.68 -4.13
N PHE B 270 8.80 -23.38 -3.44
CA PHE B 270 8.55 -24.78 -3.76
C PHE B 270 7.10 -25.20 -3.48
N PHE B 271 6.71 -26.32 -4.10
CA PHE B 271 5.45 -26.97 -3.84
C PHE B 271 5.69 -28.45 -3.74
N SER B 272 4.61 -29.19 -3.51
CA SER B 272 4.67 -30.64 -3.36
C SER B 272 3.28 -31.21 -3.53
N ARG B 273 3.23 -32.54 -3.50
CA ARG B 273 1.98 -33.31 -3.55
C ARG B 273 1.45 -33.67 -2.20
N HIS B 274 2.11 -33.21 -1.14
CA HIS B 274 1.70 -33.53 0.23
C HIS B 274 1.40 -32.29 1.07
N GLY B 275 0.95 -31.23 0.39
CA GLY B 275 0.39 -30.06 1.05
C GLY B 275 1.37 -29.07 1.63
N GLU B 276 2.65 -29.20 1.27
CA GLU B 276 3.71 -28.32 1.77
C GLU B 276 4.27 -27.47 0.65
N GLY B 277 4.41 -26.18 0.91
CA GLY B 277 4.97 -25.24 -0.05
C GLY B 277 5.43 -23.99 0.67
N GLY B 278 6.10 -23.12 -0.06
CA GLY B 278 6.59 -21.87 0.52
C GLY B 278 7.98 -21.46 0.06
N HIS B 279 8.63 -20.66 0.91
CA HIS B 279 9.95 -20.04 0.65
C HIS B 279 11.08 -20.88 1.29
N TYR B 280 12.00 -21.39 0.46
CA TYR B 280 13.13 -22.21 0.92
C TYR B 280 14.26 -21.41 1.54
N HIS B 281 14.68 -21.85 2.74
CA HIS B 281 15.87 -21.32 3.40
C HIS B 281 17.06 -22.24 3.24
N TYR B 282 16.89 -23.48 3.68
CA TYR B 282 17.98 -24.45 3.64
C TYR B 282 17.47 -25.81 4.09
N ASP B 283 18.23 -26.86 3.80
CA ASP B 283 17.89 -28.18 4.37
C ASP B 283 18.38 -28.28 5.82
N THR B 284 17.68 -29.07 6.62
CA THR B 284 17.96 -29.22 8.04
C THR B 284 18.49 -30.63 8.36
N THR B 285 18.71 -31.43 7.32
CA THR B 285 19.14 -32.81 7.40
C THR B 285 20.30 -33.05 6.42
N PRO B 286 21.45 -32.39 6.67
CA PRO B 286 22.56 -32.46 5.69
C PRO B 286 23.06 -33.88 5.36
N ASP B 287 23.08 -34.77 6.36
CA ASP B 287 23.60 -36.13 6.16
C ASP B 287 22.81 -36.95 5.13
N ILE B 288 21.50 -36.72 5.04
CA ILE B 288 20.64 -37.49 4.11
C ILE B 288 20.05 -36.70 2.94
N VAL B 289 20.31 -35.39 2.84
CA VAL B 289 19.68 -34.59 1.79
C VAL B 289 20.14 -35.01 0.39
N GLU B 290 19.21 -34.99 -0.55
CA GLU B 290 19.47 -35.32 -1.94
C GLU B 290 18.80 -34.31 -2.84
N TYR B 291 19.58 -33.70 -3.71
CA TYR B 291 19.08 -32.70 -4.67
C TYR B 291 19.24 -33.19 -6.10
N LEU B 292 18.20 -33.01 -6.92
CA LEU B 292 18.27 -33.31 -8.36
C LEU B 292 17.75 -32.12 -9.15
N GLY B 293 18.63 -31.47 -9.91
CA GLY B 293 18.28 -30.22 -10.58
C GLY B 293 18.47 -30.20 -12.08
N TYR B 294 17.66 -29.37 -12.75
CA TYR B 294 17.75 -29.11 -14.18
C TYR B 294 17.76 -27.60 -14.38
N PHE B 295 18.87 -27.08 -14.90
CA PHE B 295 19.12 -25.64 -14.96
C PHE B 295 19.63 -25.18 -16.31
N LEU B 296 19.38 -23.92 -16.61
CA LEU B 296 19.99 -23.26 -17.74
C LEU B 296 20.43 -21.86 -17.36
N PRO B 297 21.49 -21.38 -18.01
CA PRO B 297 21.81 -19.98 -17.85
C PRO B 297 20.81 -19.10 -18.61
N ALA B 298 20.57 -17.90 -18.09
CA ALA B 298 19.79 -16.86 -18.77
C ALA B 298 20.68 -15.97 -19.68
N GLU B 299 20.12 -15.53 -20.79
CA GLU B 299 20.84 -14.63 -21.72
C GLU B 299 20.68 -13.15 -21.34
N PHE B 300 19.52 -12.81 -20.77
CA PHE B 300 19.21 -11.44 -20.38
C PHE B 300 18.58 -11.37 -19.00
N LEU B 301 18.76 -10.22 -18.35
CA LEU B 301 17.93 -9.82 -17.20
C LEU B 301 17.08 -8.61 -17.58
N TYR B 302 15.81 -8.67 -17.18
CA TYR B 302 14.89 -7.56 -17.30
C TYR B 302 14.50 -7.13 -15.91
N ARG B 303 14.76 -5.86 -15.59
CA ARG B 303 14.32 -5.27 -14.33
C ARG B 303 13.06 -4.46 -14.58
N ILE B 304 11.98 -4.85 -13.91
CA ILE B 304 10.70 -4.22 -14.08
C ILE B 304 10.26 -3.57 -12.77
N ASP B 305 9.86 -2.30 -12.89
CA ASP B 305 9.38 -1.54 -11.74
C ASP B 305 10.34 -1.61 -10.56
N GLN B 306 11.61 -1.24 -10.78
CA GLN B 306 12.58 -1.26 -9.68
C GLN B 306 12.16 -0.21 -8.63
N PRO B 307 12.09 -0.58 -7.34
CA PRO B 307 11.76 0.43 -6.32
C PRO B 307 12.69 1.63 -6.30
N LYS B 308 12.13 2.84 -6.29
CA LYS B 308 12.94 4.05 -6.17
C LYS B 308 13.49 4.11 -4.76
N GLU B 309 12.61 3.87 -3.79
CA GLU B 309 13.00 3.85 -2.39
C GLU B 309 13.29 2.41 -2.05
N THR B 310 14.55 2.12 -1.73
CA THR B 310 14.95 0.77 -1.45
C THR B 310 15.65 0.68 -0.09
N HIS B 311 15.80 -0.55 0.36
CA HIS B 311 16.49 -0.88 1.64
C HIS B 311 16.87 -2.36 1.57
N SER B 312 17.63 -2.83 2.55
CA SER B 312 18.15 -4.19 2.54
C SER B 312 17.46 -5.10 3.56
N ILE B 313 16.31 -4.68 4.06
CA ILE B 313 15.59 -5.45 5.06
C ILE B 313 14.70 -6.53 4.42
N GLY B 314 14.66 -7.71 5.03
CA GLY B 314 13.65 -8.71 4.72
C GLY B 314 13.92 -9.60 3.52
N ARG B 315 15.19 -9.77 3.18
CA ARG B 315 15.55 -10.50 1.98
C ARG B 315 15.96 -11.97 2.15
N ASP B 316 15.97 -12.48 3.38
CA ASP B 316 16.26 -13.91 3.55
C ASP B 316 15.17 -14.78 2.91
ZN ZN C . -13.28 11.86 5.63
C ACY D . -10.95 10.09 5.13
O ACY D . -10.24 9.10 4.83
OXT ACY D . -12.16 10.25 4.90
CH3 ACY D . -10.27 11.20 5.83
ZN ZN E . 10.10 -15.86 -1.16
C ACY F . 8.15 -13.75 -1.07
O ACY F . 7.26 -12.99 -0.61
OXT ACY F . 9.06 -14.32 -0.45
CH3 ACY F . 8.19 -13.95 -2.51
#